data_1W9Q
#
_entry.id   1W9Q
#
_cell.length_a   72.192
_cell.length_b   72.192
_cell.length_c   125.887
_cell.angle_alpha   90.00
_cell.angle_beta   90.00
_cell.angle_gamma   90.00
#
_symmetry.space_group_name_H-M   'P 41 21 2'
#
loop_
_entity.id
_entity.type
_entity.pdbx_description
1 polymer 'SYNTENIN 1'
2 polymer 'TNEFAF PEPTIDE'
3 non-polymer 'BENZOIC ACID'
4 water water
#
loop_
_entity_poly.entity_id
_entity_poly.type
_entity_poly.pdbx_seq_one_letter_code
_entity_poly.pdbx_strand_id
1 'polypeptide(L)'
;GAMDPREVILCKDQDGKIGLRLKSIDNGIFVQLVQANSPASLVGLRFGDQVLQINGENCAGWSSDKAHKVLKQAFGEKIT
MTIRDRPFERTITMHKDSTGHVGFIFKNGKITSIVKDSSAARNGLLTEHNICEINGQNVIGLKDSQIADILSTSGTVVTI
TIMPAF
;
A,B
2 'polypeptide(L)' TNEFAF S
#
loop_
_chem_comp.id
_chem_comp.type
_chem_comp.name
_chem_comp.formula
BEZ non-polymer 'BENZOIC ACID' 'C7 H6 O2'
#
# COMPACT_ATOMS: atom_id res chain seq x y z
N ASP A 4 -6.47 9.64 -9.96
CA ASP A 4 -6.55 9.21 -11.38
C ASP A 4 -5.16 9.30 -11.99
N PRO A 5 -4.91 8.53 -13.06
CA PRO A 5 -3.63 8.64 -13.77
C PRO A 5 -3.51 9.99 -14.48
N ARG A 6 -2.28 10.44 -14.63
CA ARG A 6 -1.98 11.70 -15.32
C ARG A 6 -1.01 11.46 -16.46
N GLU A 7 -1.04 12.34 -17.46
CA GLU A 7 -0.13 12.23 -18.58
C GLU A 7 1.02 13.21 -18.41
N VAL A 8 2.23 12.73 -18.72
CA VAL A 8 3.41 13.59 -18.81
C VAL A 8 4.01 13.49 -20.19
N ILE A 9 4.62 14.60 -20.63
CA ILE A 9 5.34 14.61 -21.89
C ILE A 9 6.76 15.10 -21.63
N LEU A 10 7.74 14.36 -22.12
CA LEU A 10 9.15 14.65 -21.85
C LEU A 10 9.96 14.63 -23.13
N CYS A 11 10.98 15.47 -23.20
CA CYS A 11 11.92 15.36 -24.30
C CYS A 11 13.21 14.66 -23.86
N LYS A 12 13.66 13.68 -24.65
CA LYS A 12 14.91 12.95 -24.35
C LYS A 12 16.12 13.76 -24.79
N ASP A 13 17.24 13.59 -24.06
CA ASP A 13 18.50 14.22 -24.44
C ASP A 13 19.12 13.56 -25.68
N GLN A 14 20.38 13.87 -25.95
CA GLN A 14 21.04 13.28 -27.11
C GLN A 14 21.19 11.75 -27.02
N ASP A 15 21.30 11.22 -25.80
CA ASP A 15 21.52 9.79 -25.59
C ASP A 15 20.19 9.03 -25.50
N GLY A 16 19.09 9.73 -25.80
CA GLY A 16 17.76 9.17 -25.68
C GLY A 16 17.25 9.04 -24.25
N LYS A 17 17.90 9.74 -23.31
CA LYS A 17 17.60 9.61 -21.88
C LYS A 17 16.72 10.76 -21.36
N ILE A 18 15.90 10.45 -20.37
CA ILE A 18 15.04 11.42 -19.69
C ILE A 18 15.38 11.59 -18.21
N GLY A 19 16.32 10.80 -17.70
CA GLY A 19 16.77 10.92 -16.31
C GLY A 19 16.03 10.03 -15.32
N LEU A 20 15.68 8.82 -15.78
CA LEU A 20 14.86 7.87 -15.04
C LEU A 20 15.51 6.48 -14.90
N ARG A 21 15.38 5.84 -13.75
CA ARG A 21 15.55 4.37 -13.69
C ARG A 21 14.25 3.76 -13.18
N LEU A 22 13.90 2.60 -13.73
CA LEU A 22 12.63 1.95 -13.43
C LEU A 22 12.83 0.60 -12.80
N LYS A 23 11.78 0.10 -12.16
CA LYS A 23 11.83 -1.17 -11.46
C LYS A 23 10.50 -1.93 -11.64
N SER A 24 10.60 -3.23 -11.90
CA SER A 24 9.42 -4.08 -11.98
C SER A 24 9.03 -4.57 -10.59
N ILE A 25 7.76 -4.32 -10.20
CA ILE A 25 7.24 -4.76 -8.90
C ILE A 25 5.82 -5.26 -9.14
N ASP A 26 5.55 -6.51 -8.76
CA ASP A 26 4.19 -7.08 -8.86
C ASP A 26 3.56 -6.89 -10.23
N ASN A 27 4.38 -7.06 -11.28
CA ASN A 27 3.96 -6.92 -12.68
C ASN A 27 3.53 -5.52 -13.10
N GLY A 28 3.97 -4.55 -12.31
CA GLY A 28 3.86 -3.17 -12.69
C GLY A 28 5.25 -2.60 -12.86
N ILE A 29 5.32 -1.37 -13.33
CA ILE A 29 6.58 -0.67 -13.48
C ILE A 29 6.52 0.60 -12.64
N PHE A 30 7.58 0.82 -11.86
CA PHE A 30 7.65 1.92 -10.90
C PHE A 30 8.93 2.71 -11.08
N VAL A 31 8.83 4.02 -10.83
CA VAL A 31 10.00 4.90 -10.83
C VAL A 31 10.88 4.57 -9.63
N GLN A 32 12.15 4.33 -9.91
CA GLN A 32 13.17 3.97 -8.91
C GLN A 32 14.19 5.08 -8.70
N LEU A 33 14.58 5.77 -9.75
CA LEU A 33 15.57 6.83 -9.60
C LEU A 33 15.26 7.93 -10.55
N VAL A 34 15.23 9.16 -10.03
CA VAL A 34 14.99 10.35 -10.85
C VAL A 34 16.20 11.26 -10.72
N GLN A 35 16.86 11.53 -11.86
CA GLN A 35 18.08 12.32 -11.91
C GLN A 35 17.78 13.79 -11.74
N ALA A 36 18.66 14.45 -11.00
CA ALA A 36 18.56 15.88 -10.79
C ALA A 36 18.51 16.66 -12.11
N ASN A 37 17.56 17.60 -12.14
CA ASN A 37 17.37 18.55 -13.24
C ASN A 37 17.16 17.94 -14.63
N SER A 38 16.60 16.74 -14.63
CA SER A 38 16.32 16.01 -15.84
C SER A 38 14.89 16.34 -16.28
N PRO A 39 14.55 15.99 -17.52
CA PRO A 39 13.16 16.07 -17.97
C PRO A 39 12.22 15.35 -17.01
N ALA A 40 12.64 14.20 -16.48
CA ALA A 40 11.78 13.41 -15.58
C ALA A 40 11.51 14.19 -14.31
N SER A 41 12.54 14.86 -13.80
CA SER A 41 12.42 15.65 -12.58
C SER A 41 11.48 16.81 -12.82
N LEU A 42 11.61 17.47 -13.96
CA LEU A 42 10.80 18.66 -14.22
C LEU A 42 9.30 18.35 -14.26
N VAL A 43 8.92 17.21 -14.82
CA VAL A 43 7.49 16.84 -14.88
C VAL A 43 6.93 16.23 -13.58
N GLY A 44 7.76 16.13 -12.55
CA GLY A 44 7.27 15.73 -11.24
C GLY A 44 7.29 14.24 -11.01
N LEU A 45 8.04 13.50 -11.81
CA LEU A 45 8.16 12.07 -11.52
C LEU A 45 8.98 11.89 -10.27
N ARG A 46 8.57 10.95 -9.42
CA ARG A 46 9.25 10.66 -8.17
C ARG A 46 9.36 9.18 -7.92
N PHE A 47 10.36 8.82 -7.13
CA PHE A 47 10.52 7.49 -6.61
C PHE A 47 9.15 6.98 -6.11
N GLY A 48 8.70 5.84 -6.62
CA GLY A 48 7.44 5.29 -6.18
C GLY A 48 6.26 5.51 -7.12
N ASP A 49 6.36 6.47 -8.06
CA ASP A 49 5.30 6.64 -9.05
C ASP A 49 5.20 5.40 -9.95
N GLN A 50 3.98 5.07 -10.37
CA GLN A 50 3.76 3.88 -11.21
C GLN A 50 3.62 4.32 -12.66
N VAL A 51 4.31 3.66 -13.56
CA VAL A 51 4.19 3.95 -14.99
C VAL A 51 3.23 2.95 -15.61
N LEU A 52 2.08 3.42 -16.05
CA LEU A 52 1.06 2.55 -16.65
C LEU A 52 1.29 2.34 -18.13
N GLN A 53 1.70 3.39 -18.83
CA GLN A 53 1.98 3.32 -20.26
C GLN A 53 3.21 4.14 -20.59
N ILE A 54 3.90 3.71 -21.63
CA ILE A 54 4.92 4.54 -22.26
C ILE A 54 4.54 4.65 -23.73
N ASN A 55 4.34 5.88 -24.20
CA ASN A 55 3.87 6.15 -25.56
C ASN A 55 2.68 5.28 -25.90
N GLY A 56 1.76 5.18 -24.94
CA GLY A 56 0.49 4.51 -25.15
C GLY A 56 0.50 3.00 -25.03
N GLU A 57 1.68 2.41 -24.82
CA GLU A 57 1.84 0.97 -24.70
C GLU A 57 1.83 0.57 -23.20
N ASN A 58 1.07 -0.46 -22.85
CA ASN A 58 0.96 -0.88 -21.46
C ASN A 58 2.27 -1.44 -20.94
N CYS A 59 2.65 -1.00 -19.75
CA CYS A 59 3.88 -1.51 -19.10
C CYS A 59 3.66 -2.80 -18.35
N ALA A 60 2.41 -3.25 -18.25
CA ALA A 60 2.10 -4.44 -17.43
C ALA A 60 2.98 -5.64 -17.81
N GLY A 61 3.62 -6.24 -16.80
CA GLY A 61 4.45 -7.44 -16.95
C GLY A 61 5.84 -7.23 -17.53
N TRP A 62 6.16 -6.00 -17.93
CA TRP A 62 7.49 -5.70 -18.46
C TRP A 62 8.54 -5.80 -17.38
N SER A 63 9.73 -6.27 -17.75
CA SER A 63 10.88 -6.16 -16.85
C SER A 63 11.37 -4.73 -16.82
N SER A 64 12.21 -4.37 -15.86
CA SER A 64 12.82 -3.03 -15.92
C SER A 64 13.72 -2.87 -17.15
N ASP A 65 14.43 -3.93 -17.54
CA ASP A 65 15.28 -3.89 -18.74
C ASP A 65 14.43 -3.56 -19.98
N LYS A 66 13.27 -4.19 -20.10
CA LYS A 66 12.35 -3.90 -21.18
C LYS A 66 11.87 -2.44 -21.16
N ALA A 67 11.48 -1.97 -19.98
CA ALA A 67 10.99 -0.59 -19.86
C ALA A 67 12.06 0.39 -20.31
N HIS A 68 13.31 0.18 -19.89
CA HIS A 68 14.41 1.07 -20.28
C HIS A 68 14.68 1.00 -21.79
N LYS A 69 14.63 -0.22 -22.34
CA LYS A 69 14.81 -0.44 -23.77
C LYS A 69 13.73 0.30 -24.57
N VAL A 70 12.50 0.29 -24.06
CA VAL A 70 11.39 0.98 -24.72
C VAL A 70 11.66 2.49 -24.78
N LEU A 71 12.17 3.04 -23.68
CA LEU A 71 12.50 4.45 -23.63
C LEU A 71 13.63 4.76 -24.59
N LYS A 72 14.66 3.93 -24.57
CA LYS A 72 15.84 4.18 -25.39
C LYS A 72 15.51 4.12 -26.89
N GLN A 73 14.62 3.20 -27.28
CA GLN A 73 14.30 2.99 -28.70
C GLN A 73 13.18 3.89 -29.21
N ALA A 74 12.49 4.59 -28.31
CA ALA A 74 11.37 5.44 -28.68
C ALA A 74 11.71 6.39 -29.83
N PHE A 75 10.82 6.50 -30.80
CA PHE A 75 11.06 7.33 -31.98
C PHE A 75 10.85 8.81 -31.66
N GLY A 76 11.76 9.65 -32.15
CA GLY A 76 11.56 11.08 -32.04
C GLY A 76 12.11 11.61 -30.73
N GLU A 77 11.78 12.87 -30.43
CA GLU A 77 12.29 13.54 -29.24
C GLU A 77 11.37 13.35 -28.02
N LYS A 78 10.07 13.52 -28.23
CA LYS A 78 9.12 13.51 -27.13
C LYS A 78 8.71 12.10 -26.76
N ILE A 79 8.67 11.82 -25.45
CA ILE A 79 8.13 10.58 -24.91
C ILE A 79 6.92 10.94 -24.05
N THR A 80 5.84 10.16 -24.18
CA THR A 80 4.68 10.35 -23.35
C THR A 80 4.62 9.21 -22.34
N MET A 81 4.25 9.51 -21.10
CA MET A 81 3.97 8.47 -20.15
C MET A 81 2.67 8.74 -19.43
N THR A 82 1.98 7.68 -19.10
CA THR A 82 0.79 7.78 -18.27
C THR A 82 1.20 7.27 -16.89
N ILE A 83 0.95 8.10 -15.86
CA ILE A 83 1.50 7.92 -14.51
C ILE A 83 0.40 7.81 -13.47
N ARG A 84 0.51 6.86 -12.55
CA ARG A 84 -0.31 6.89 -11.35
C ARG A 84 0.61 7.35 -10.20
N ASP A 85 0.28 8.48 -9.56
CA ASP A 85 1.17 9.02 -8.53
C ASP A 85 1.30 8.09 -7.34
N ARG A 86 2.55 7.91 -6.90
CA ARG A 86 2.91 7.03 -5.76
C ARG A 86 1.76 6.26 -5.10
N PRO A 87 1.30 5.18 -5.73
CA PRO A 87 0.14 4.43 -5.22
C PRO A 87 0.34 3.84 -3.82
N PHE A 88 1.58 3.58 -3.44
CA PHE A 88 1.86 3.06 -2.09
C PHE A 88 2.13 4.10 -0.99
N GLU A 89 2.00 5.38 -1.29
CA GLU A 89 2.36 6.40 -0.30
C GLU A 89 1.30 6.55 0.80
N ARG A 90 1.75 6.72 2.03
CA ARG A 90 0.85 7.03 3.16
C ARG A 90 1.46 8.18 3.91
N THR A 91 0.65 8.90 4.68
CA THR A 91 1.12 10.02 5.50
C THR A 91 0.86 9.73 6.97
N ILE A 92 1.87 9.98 7.78
CA ILE A 92 1.78 9.82 9.24
C ILE A 92 2.25 11.10 9.90
N THR A 93 1.47 11.60 10.86
CA THR A 93 1.83 12.79 11.58
C THR A 93 2.15 12.42 13.02
N MET A 94 3.32 12.84 13.48
CA MET A 94 3.75 12.56 14.85
C MET A 94 4.07 13.86 15.57
N HIS A 95 4.16 13.78 16.89
CA HIS A 95 4.51 14.94 17.74
C HIS A 95 5.77 14.56 18.52
N LYS A 96 6.79 15.41 18.50
CA LYS A 96 7.97 15.17 19.33
C LYS A 96 7.60 15.12 20.81
N ASP A 97 8.28 14.27 21.58
CA ASP A 97 8.01 14.20 23.03
C ASP A 97 8.69 15.36 23.76
N SER A 98 8.66 15.34 25.09
CA SER A 98 9.29 16.39 25.88
C SER A 98 10.81 16.47 25.67
N THR A 99 11.42 15.37 25.22
CA THR A 99 12.86 15.35 24.88
C THR A 99 13.16 15.63 23.39
N GLY A 100 12.12 15.88 22.59
CA GLY A 100 12.30 16.18 21.17
C GLY A 100 12.38 15.00 20.22
N HIS A 101 11.89 13.84 20.66
CA HIS A 101 11.96 12.60 19.90
C HIS A 101 10.56 12.20 19.42
N VAL A 102 10.43 11.82 18.14
CA VAL A 102 9.14 11.32 17.64
C VAL A 102 8.98 9.81 17.80
N GLY A 103 10.12 9.12 17.84
CA GLY A 103 10.14 7.73 18.25
C GLY A 103 10.46 6.69 17.20
N PHE A 104 11.36 6.99 16.27
CA PHE A 104 11.82 5.92 15.39
C PHE A 104 13.31 5.94 15.08
N ILE A 105 13.80 4.76 14.71
CA ILE A 105 15.17 4.58 14.24
C ILE A 105 15.08 4.35 12.74
N PHE A 106 16.00 4.95 11.99
CA PHE A 106 16.07 4.69 10.56
C PHE A 106 17.49 4.41 10.12
N LYS A 107 17.62 3.76 8.97
CA LYS A 107 18.92 3.53 8.37
C LYS A 107 18.75 3.55 6.88
N ASN A 108 19.60 4.35 6.23
CA ASN A 108 19.57 4.52 4.77
C ASN A 108 18.17 4.93 4.31
N GLY A 109 17.57 5.84 5.06
CA GLY A 109 16.27 6.40 4.68
C GLY A 109 15.11 5.47 4.94
N LYS A 110 15.37 4.34 5.60
CA LYS A 110 14.33 3.35 5.87
C LYS A 110 14.09 3.20 7.37
N ILE A 111 12.82 3.20 7.77
CA ILE A 111 12.46 3.02 9.19
C ILE A 111 12.75 1.57 9.60
N THR A 112 13.54 1.38 10.67
CA THR A 112 13.94 0.03 11.11
C THR A 112 13.39 -0.36 12.49
N SER A 113 13.11 0.62 13.34
CA SER A 113 12.57 0.34 14.67
C SER A 113 11.64 1.44 15.18
N ILE A 114 10.65 1.02 15.98
CA ILE A 114 9.69 1.94 16.59
C ILE A 114 9.94 2.00 18.10
N VAL A 115 10.22 3.19 18.61
CA VAL A 115 10.48 3.37 20.05
C VAL A 115 9.20 3.14 20.85
N LYS A 116 9.31 2.38 21.93
CA LYS A 116 8.17 1.99 22.76
C LYS A 116 7.42 3.20 23.26
N ASP A 117 6.09 3.18 23.07
CA ASP A 117 5.18 4.20 23.57
C ASP A 117 5.46 5.64 23.15
N SER A 118 6.14 5.77 22.03
CA SER A 118 6.42 7.05 21.41
C SER A 118 5.24 7.50 20.60
N SER A 119 5.28 8.74 20.08
CA SER A 119 4.29 9.17 19.11
C SER A 119 4.25 8.26 17.86
N ALA A 120 5.43 7.80 17.40
CA ALA A 120 5.49 6.90 16.24
C ALA A 120 4.74 5.60 16.57
N ALA A 121 4.93 5.07 17.77
CA ALA A 121 4.15 3.93 18.19
C ALA A 121 2.65 4.20 18.21
N ARG A 122 2.24 5.30 18.84
CA ARG A 122 0.82 5.62 18.95
C ARG A 122 0.18 5.76 17.59
N ASN A 123 0.95 6.27 16.64
CA ASN A 123 0.42 6.54 15.29
C ASN A 123 0.55 5.35 14.34
N GLY A 124 1.15 4.28 14.83
CA GLY A 124 1.22 3.02 14.08
C GLY A 124 2.18 3.10 12.93
N LEU A 125 3.28 3.84 13.13
CA LEU A 125 4.33 3.89 12.11
C LEU A 125 4.92 2.51 11.91
N LEU A 126 5.14 2.15 10.65
CA LEU A 126 5.65 0.81 10.32
C LEU A 126 7.13 0.81 9.94
N THR A 127 7.81 -0.30 10.21
CA THR A 127 9.20 -0.49 9.78
C THR A 127 9.20 -1.01 8.33
N GLU A 128 10.40 -1.18 7.77
CA GLU A 128 10.57 -1.60 6.39
C GLU A 128 9.81 -0.67 5.45
N HIS A 129 9.78 0.61 5.81
CA HIS A 129 9.17 1.65 5.00
C HIS A 129 10.21 2.74 4.74
N ASN A 130 10.27 3.19 3.48
CA ASN A 130 11.12 4.31 3.10
C ASN A 130 10.46 5.64 3.44
N ILE A 131 11.28 6.56 3.95
CA ILE A 131 10.80 7.92 4.21
C ILE A 131 10.94 8.71 2.92
N CYS A 132 9.84 9.29 2.47
CA CYS A 132 9.87 10.06 1.23
C CYS A 132 10.02 11.55 1.48
N GLU A 133 9.16 12.11 2.33
CA GLU A 133 9.25 13.52 2.71
C GLU A 133 9.08 13.66 4.21
N ILE A 134 9.77 14.65 4.76
CA ILE A 134 9.54 15.10 6.12
C ILE A 134 9.16 16.58 6.04
N ASN A 135 7.95 16.90 6.49
CA ASN A 135 7.38 18.25 6.41
C ASN A 135 7.56 18.91 5.04
N GLY A 136 7.24 18.16 3.98
CA GLY A 136 7.32 18.65 2.62
C GLY A 136 8.72 18.64 2.04
N GLN A 137 9.73 18.26 2.83
CA GLN A 137 11.10 18.16 2.33
C GLN A 137 11.40 16.76 1.83
N ASN A 138 11.61 16.61 0.53
CA ASN A 138 11.94 15.29 -0.01
C ASN A 138 13.29 14.83 0.52
N VAL A 139 13.36 13.59 0.98
CA VAL A 139 14.59 13.05 1.55
C VAL A 139 15.14 11.86 0.78
N ILE A 140 14.45 11.46 -0.28
CA ILE A 140 14.95 10.45 -1.20
C ILE A 140 16.32 10.88 -1.74
N GLY A 141 17.31 10.02 -1.54
CA GLY A 141 18.65 10.31 -2.02
C GLY A 141 19.57 10.93 -0.99
N LEU A 142 19.00 11.54 0.04
CA LEU A 142 19.78 12.27 1.04
C LEU A 142 20.48 11.31 2.00
N LYS A 143 21.57 11.78 2.59
CA LYS A 143 22.29 11.02 3.59
C LYS A 143 21.51 11.00 4.89
N ASP A 144 21.69 9.94 5.67
CA ASP A 144 21.06 9.84 6.99
C ASP A 144 21.31 11.04 7.89
N SER A 145 22.54 11.59 7.83
CA SER A 145 22.89 12.76 8.64
C SER A 145 22.04 13.98 8.25
N GLN A 146 21.75 14.10 6.95
CA GLN A 146 20.85 15.14 6.44
C GLN A 146 19.39 14.91 6.91
N ILE A 147 18.95 13.65 6.93
CA ILE A 147 17.60 13.32 7.40
C ILE A 147 17.45 13.63 8.90
N ALA A 148 18.48 13.28 9.67
CA ALA A 148 18.58 13.63 11.09
C ALA A 148 18.48 15.13 11.34
N ASP A 149 19.20 15.92 10.53
CA ASP A 149 19.19 17.37 10.63
C ASP A 149 17.80 17.94 10.41
N ILE A 150 17.10 17.43 9.40
CA ILE A 150 15.73 17.85 9.12
C ILE A 150 14.83 17.52 10.30
N LEU A 151 14.95 16.30 10.83
CA LEU A 151 14.22 15.89 12.03
C LEU A 151 14.55 16.75 13.26
N SER A 152 15.85 16.97 13.52
CA SER A 152 16.29 17.82 14.64
C SER A 152 15.70 19.23 14.56
N THR A 153 15.76 19.80 13.36
CA THR A 153 15.34 21.18 13.13
C THR A 153 13.82 21.32 13.15
N SER A 154 13.11 20.23 12.89
CA SER A 154 11.64 20.26 12.83
C SER A 154 10.99 20.76 14.12
N GLY A 155 9.82 21.38 13.95
CA GLY A 155 9.01 21.76 15.11
C GLY A 155 8.45 20.51 15.74
N THR A 156 7.64 20.69 16.78
CA THR A 156 6.99 19.57 17.47
C THR A 156 6.30 18.63 16.47
N VAL A 157 5.51 19.19 15.55
CA VAL A 157 4.72 18.40 14.61
C VAL A 157 5.59 17.94 13.44
N VAL A 158 5.68 16.62 13.25
CA VAL A 158 6.49 16.06 12.18
C VAL A 158 5.60 15.20 11.31
N THR A 159 5.41 15.63 10.05
CA THR A 159 4.57 14.89 9.13
C THR A 159 5.45 14.21 8.11
N ILE A 160 5.36 12.89 8.02
CA ILE A 160 6.16 12.15 7.05
C ILE A 160 5.31 11.39 6.07
N THR A 161 5.80 11.29 4.84
CA THR A 161 5.20 10.41 3.86
C THR A 161 6.12 9.23 3.73
N ILE A 162 5.52 8.04 3.69
CA ILE A 162 6.28 6.79 3.66
C ILE A 162 5.71 5.85 2.60
N MET A 163 6.49 4.84 2.25
CA MET A 163 6.05 3.80 1.33
C MET A 163 6.72 2.52 1.75
N PRO A 164 6.02 1.39 1.63
CA PRO A 164 6.65 0.09 1.90
C PRO A 164 7.87 -0.06 0.99
N ALA A 165 8.95 -0.61 1.53
CA ALA A 165 10.13 -0.85 0.69
C ALA A 165 9.86 -2.09 -0.16
N PHE A 166 9.50 -1.88 -1.42
CA PHE A 166 9.16 -2.97 -2.35
C PHE A 166 10.17 -3.01 -3.49
N ASP B 4 -8.13 9.78 9.81
CA ASP B 4 -8.03 9.55 11.28
C ASP B 4 -8.44 8.12 11.64
N PRO B 5 -7.82 7.60 12.69
CA PRO B 5 -8.22 6.31 13.26
C PRO B 5 -9.59 6.40 13.89
N ARG B 6 -10.17 5.26 14.21
CA ARG B 6 -11.48 5.25 14.87
C ARG B 6 -11.44 4.35 16.07
N GLU B 7 -12.29 4.62 17.05
CA GLU B 7 -12.31 3.85 18.29
C GLU B 7 -13.48 2.90 18.25
N VAL B 8 -13.25 1.65 18.66
CA VAL B 8 -14.34 0.69 18.78
C VAL B 8 -14.30 0.06 20.18
N ILE B 9 -15.44 -0.40 20.65
CA ILE B 9 -15.57 -1.12 21.92
C ILE B 9 -16.26 -2.46 21.68
N LEU B 10 -15.48 -3.53 21.75
CA LEU B 10 -16.03 -4.87 21.54
C LEU B 10 -16.52 -5.48 22.86
N CYS B 11 -17.55 -6.33 22.77
CA CYS B 11 -17.99 -7.06 23.93
C CYS B 11 -17.78 -8.57 23.70
N LYS B 12 -17.01 -9.20 24.57
CA LYS B 12 -16.81 -10.65 24.50
C LYS B 12 -18.12 -11.42 24.50
N ASP B 13 -18.18 -12.52 23.75
CA ASP B 13 -19.33 -13.43 23.81
C ASP B 13 -19.19 -14.38 25.02
N GLN B 14 -20.12 -15.33 25.12
CA GLN B 14 -20.19 -16.27 26.26
C GLN B 14 -18.89 -17.01 26.64
N ASP B 15 -18.08 -17.36 25.64
CA ASP B 15 -16.84 -18.10 25.87
C ASP B 15 -15.63 -17.17 26.04
N GLY B 16 -15.89 -15.86 26.00
CA GLY B 16 -14.85 -14.86 26.14
C GLY B 16 -14.13 -14.55 24.83
N LYS B 17 -14.74 -14.94 23.71
CA LYS B 17 -14.18 -14.78 22.36
C LYS B 17 -14.78 -13.58 21.64
N ILE B 18 -14.07 -13.09 20.61
CA ILE B 18 -14.53 -11.96 19.80
C ILE B 18 -14.55 -12.22 18.29
N GLY B 19 -14.04 -13.38 17.86
CA GLY B 19 -14.03 -13.76 16.46
C GLY B 19 -12.97 -13.09 15.60
N LEU B 20 -11.81 -12.80 16.18
CA LEU B 20 -10.77 -12.02 15.52
C LEU B 20 -9.41 -12.70 15.48
N ARG B 21 -8.83 -12.78 14.27
CA ARG B 21 -7.44 -13.19 14.09
C ARG B 21 -6.62 -12.04 13.56
N LEU B 22 -5.40 -11.93 14.11
CA LEU B 22 -4.51 -10.81 13.86
C LEU B 22 -3.17 -11.33 13.31
N LYS B 23 -2.44 -10.43 12.63
CA LYS B 23 -1.18 -10.76 12.01
C LYS B 23 -0.20 -9.61 12.18
N SER B 24 1.04 -9.93 12.55
CA SER B 24 2.08 -8.91 12.69
C SER B 24 2.68 -8.63 11.29
N ILE B 25 2.65 -7.37 10.85
CA ILE B 25 3.30 -6.96 9.61
C ILE B 25 4.11 -5.68 9.86
N ASP B 26 5.41 -5.69 9.52
CA ASP B 26 6.23 -4.47 9.65
C ASP B 26 6.08 -3.79 11.03
N ASN B 27 6.04 -4.61 12.07
CA ASN B 27 5.94 -4.13 13.48
C ASN B 27 4.64 -3.39 13.80
N GLY B 28 3.63 -3.68 13.01
CA GLY B 28 2.26 -3.28 13.30
C GLY B 28 1.40 -4.52 13.38
N ILE B 29 0.13 -4.35 13.78
CA ILE B 29 -0.80 -5.46 13.93
C ILE B 29 -1.99 -5.21 13.02
N PHE B 30 -2.34 -6.22 12.21
CA PHE B 30 -3.42 -6.13 11.23
C PHE B 30 -4.46 -7.20 11.42
N VAL B 31 -5.70 -6.86 11.11
CA VAL B 31 -6.78 -7.86 11.11
C VAL B 31 -6.61 -8.86 9.96
N GLN B 32 -6.61 -10.16 10.30
CA GLN B 32 -6.38 -11.25 9.34
C GLN B 32 -7.65 -12.04 9.03
N LEU B 33 -8.53 -12.20 10.02
CA LEU B 33 -9.77 -12.94 9.86
C LEU B 33 -10.84 -12.39 10.82
N VAL B 34 -12.03 -12.13 10.27
CA VAL B 34 -13.16 -11.65 11.06
C VAL B 34 -14.34 -12.60 10.84
N GLN B 35 -14.79 -13.23 11.91
CA GLN B 35 -15.94 -14.12 11.86
C GLN B 35 -17.22 -13.33 11.59
N ALA B 36 -18.11 -13.87 10.76
CA ALA B 36 -19.45 -13.31 10.57
C ALA B 36 -20.27 -13.45 11.86
N ASN B 37 -21.09 -12.42 12.13
CA ASN B 37 -21.89 -12.33 13.36
C ASN B 37 -21.08 -12.52 14.66
N SER B 38 -20.01 -11.74 14.76
CA SER B 38 -19.11 -11.79 15.91
C SER B 38 -19.01 -10.40 16.52
N PRO B 39 -18.48 -10.29 17.75
CA PRO B 39 -18.17 -8.98 18.32
C PRO B 39 -17.28 -8.16 17.39
N ALA B 40 -16.37 -8.82 16.68
CA ALA B 40 -15.46 -8.15 15.73
C ALA B 40 -16.19 -7.55 14.53
N SER B 41 -17.15 -8.29 13.96
CA SER B 41 -17.95 -7.77 12.86
C SER B 41 -18.96 -6.72 13.32
N LEU B 42 -19.45 -6.85 14.56
CA LEU B 42 -20.42 -5.89 15.11
C LEU B 42 -19.87 -4.47 15.09
N VAL B 43 -18.57 -4.34 15.35
CA VAL B 43 -17.89 -3.06 15.33
C VAL B 43 -17.27 -2.72 13.98
N GLY B 44 -17.54 -3.55 12.97
CA GLY B 44 -17.08 -3.30 11.61
C GLY B 44 -15.60 -3.52 11.32
N LEU B 45 -14.94 -4.40 12.07
CA LEU B 45 -13.54 -4.75 11.76
C LEU B 45 -13.51 -5.50 10.44
N ARG B 46 -12.49 -5.21 9.62
CA ARG B 46 -12.35 -5.81 8.30
C ARG B 46 -10.91 -6.27 8.11
N PHE B 47 -10.74 -7.32 7.30
CA PHE B 47 -9.43 -7.75 6.84
C PHE B 47 -8.59 -6.56 6.39
N GLY B 48 -7.39 -6.45 6.94
CA GLY B 48 -6.47 -5.39 6.53
C GLY B 48 -6.50 -4.14 7.40
N ASP B 49 -7.54 -4.00 8.23
CA ASP B 49 -7.55 -2.90 9.23
C ASP B 49 -6.34 -3.00 10.14
N GLN B 50 -5.77 -1.86 10.52
CA GLN B 50 -4.62 -1.83 11.42
C GLN B 50 -5.09 -1.55 12.85
N VAL B 51 -4.67 -2.38 13.80
CA VAL B 51 -5.02 -2.18 15.19
C VAL B 51 -3.86 -1.43 15.85
N LEU B 52 -4.12 -0.18 16.23
CA LEU B 52 -3.08 0.69 16.82
C LEU B 52 -2.93 0.46 18.33
N GLN B 53 -4.05 0.27 19.04
CA GLN B 53 -4.04 0.14 20.51
C GLN B 53 -5.10 -0.89 20.85
N ILE B 54 -4.81 -1.72 21.85
CA ILE B 54 -5.83 -2.55 22.52
C ILE B 54 -5.81 -2.23 24.01
N ASN B 55 -6.97 -1.87 24.53
CA ASN B 55 -7.14 -1.62 25.98
C ASN B 55 -6.07 -0.68 26.54
N GLY B 56 -5.73 0.37 25.78
CA GLY B 56 -4.78 1.36 26.25
C GLY B 56 -3.31 1.03 26.10
N GLU B 57 -3.00 -0.05 25.39
CA GLU B 57 -1.60 -0.40 25.09
C GLU B 57 -1.38 -0.33 23.60
N ASN B 58 -0.28 0.33 23.21
CA ASN B 58 0.10 0.37 21.80
C ASN B 58 0.46 -1.01 21.31
N CYS B 59 -0.02 -1.38 20.12
CA CYS B 59 0.28 -2.69 19.54
C CYS B 59 1.62 -2.75 18.81
N ALA B 60 2.31 -1.61 18.71
CA ALA B 60 3.56 -1.53 17.94
C ALA B 60 4.53 -2.62 18.43
N GLY B 61 5.10 -3.35 17.47
CA GLY B 61 6.07 -4.38 17.76
C GLY B 61 5.55 -5.68 18.34
N TRP B 62 4.24 -5.78 18.58
CA TRP B 62 3.72 -7.05 19.09
C TRP B 62 3.77 -8.16 18.03
N SER B 63 4.08 -9.38 18.44
CA SER B 63 3.88 -10.54 17.59
C SER B 63 2.37 -10.86 17.49
N SER B 64 1.98 -11.61 16.46
CA SER B 64 0.66 -12.27 16.37
C SER B 64 0.33 -12.99 17.67
N ASP B 65 1.28 -13.80 18.14
CA ASP B 65 1.09 -14.63 19.31
C ASP B 65 0.72 -13.76 20.52
N LYS B 66 1.45 -12.66 20.71
CA LYS B 66 1.17 -11.75 21.81
C LYS B 66 -0.23 -11.15 21.69
N ALA B 67 -0.55 -10.61 20.53
CA ALA B 67 -1.85 -9.99 20.31
C ALA B 67 -3.00 -10.94 20.65
N HIS B 68 -2.89 -12.19 20.21
CA HIS B 68 -3.93 -13.18 20.49
C HIS B 68 -4.05 -13.48 21.99
N LYS B 69 -2.91 -13.54 22.68
CA LYS B 69 -2.88 -13.80 24.12
C LYS B 69 -3.53 -12.65 24.87
N VAL B 70 -3.18 -11.42 24.48
CA VAL B 70 -3.77 -10.23 25.09
C VAL B 70 -5.28 -10.26 24.96
N LEU B 71 -5.77 -10.62 23.77
CA LEU B 71 -7.22 -10.68 23.53
C LEU B 71 -7.88 -11.79 24.36
N LYS B 72 -7.22 -12.94 24.43
CA LYS B 72 -7.73 -14.06 25.20
C LYS B 72 -7.84 -13.68 26.67
N GLN B 73 -6.81 -13.01 27.18
CA GLN B 73 -6.66 -12.73 28.61
C GLN B 73 -7.30 -11.42 29.09
N ALA B 74 -7.76 -10.57 28.18
CA ALA B 74 -8.27 -9.25 28.55
C ALA B 74 -9.32 -9.31 29.68
N PHE B 75 -9.06 -8.56 30.74
CA PHE B 75 -9.96 -8.55 31.91
C PHE B 75 -11.31 -7.91 31.62
N GLY B 76 -12.36 -8.65 31.95
CA GLY B 76 -13.71 -8.13 31.82
C GLY B 76 -14.33 -8.43 30.47
N GLU B 77 -15.43 -7.74 30.19
CA GLU B 77 -16.28 -8.09 29.05
C GLU B 77 -16.04 -7.19 27.86
N LYS B 78 -15.51 -5.99 28.10
CA LYS B 78 -15.31 -5.01 27.03
C LYS B 78 -13.84 -4.78 26.70
N ILE B 79 -13.56 -4.81 25.40
CA ILE B 79 -12.21 -4.60 24.89
C ILE B 79 -12.24 -3.37 23.99
N THR B 80 -11.40 -2.38 24.28
CA THR B 80 -11.38 -1.20 23.45
C THR B 80 -10.23 -1.30 22.46
N MET B 81 -10.46 -0.78 21.25
CA MET B 81 -9.39 -0.74 20.27
C MET B 81 -9.42 0.56 19.52
N THR B 82 -8.25 0.97 19.04
CA THR B 82 -8.18 2.07 18.09
C THR B 82 -7.69 1.48 16.77
N ILE B 83 -8.43 1.79 15.70
CA ILE B 83 -8.25 1.15 14.39
C ILE B 83 -7.91 2.18 13.35
N ARG B 84 -6.92 1.90 12.51
CA ARG B 84 -6.75 2.69 11.31
C ARG B 84 -7.30 1.85 10.18
N ASP B 85 -8.35 2.34 9.52
CA ASP B 85 -9.00 1.56 8.48
C ASP B 85 -8.04 1.23 7.33
N ARG B 86 -8.03 -0.06 6.97
CA ARG B 86 -7.24 -0.64 5.89
C ARG B 86 -6.20 0.30 5.23
N PRO B 87 -5.07 0.55 5.90
CA PRO B 87 -4.06 1.51 5.42
C PRO B 87 -3.47 1.19 4.05
N PHE B 88 -3.38 -0.09 3.71
CA PHE B 88 -2.79 -0.52 2.44
C PHE B 88 -3.82 -0.67 1.31
N GLU B 89 -5.08 -0.35 1.56
CA GLU B 89 -6.13 -0.49 0.53
C GLU B 89 -5.96 0.49 -0.62
N ARG B 90 -6.18 -0.01 -1.85
CA ARG B 90 -6.26 0.80 -3.06
C ARG B 90 -7.47 0.35 -3.84
N THR B 91 -8.00 1.25 -4.66
CA THR B 91 -9.16 0.96 -5.50
C THR B 91 -8.73 1.03 -6.95
N ILE B 92 -9.14 0.03 -7.72
CA ILE B 92 -8.90 0.01 -9.15
C ILE B 92 -10.22 -0.22 -9.86
N THR B 93 -10.50 0.56 -10.90
CA THR B 93 -11.70 0.36 -11.71
C THR B 93 -11.34 -0.14 -13.10
N MET B 94 -11.98 -1.23 -13.51
CA MET B 94 -11.73 -1.84 -14.81
C MET B 94 -13.03 -2.05 -15.56
N HIS B 95 -12.93 -2.24 -16.89
CA HIS B 95 -14.11 -2.41 -17.73
C HIS B 95 -13.99 -3.76 -18.44
N LYS B 96 -15.06 -4.54 -18.41
CA LYS B 96 -15.03 -5.85 -19.05
C LYS B 96 -14.91 -5.74 -20.57
N ASP B 97 -14.18 -6.66 -21.19
CA ASP B 97 -14.15 -6.71 -22.66
C ASP B 97 -15.37 -7.47 -23.21
N SER B 98 -15.40 -7.67 -24.53
CA SER B 98 -16.55 -8.27 -25.20
C SER B 98 -16.81 -9.71 -24.78
N THR B 99 -15.81 -10.35 -24.18
CA THR B 99 -15.92 -11.72 -23.67
C THR B 99 -16.29 -11.74 -22.19
N GLY B 100 -16.44 -10.55 -21.60
CA GLY B 100 -16.79 -10.43 -20.19
C GLY B 100 -15.62 -10.53 -19.23
N HIS B 101 -14.40 -10.34 -19.73
CA HIS B 101 -13.20 -10.43 -18.87
C HIS B 101 -12.58 -9.08 -18.60
N VAL B 102 -11.99 -8.93 -17.42
CA VAL B 102 -11.30 -7.69 -17.04
C VAL B 102 -9.79 -7.81 -17.29
N GLY B 103 -9.28 -9.04 -17.21
CA GLY B 103 -7.94 -9.35 -17.61
C GLY B 103 -6.92 -9.70 -16.55
N PHE B 104 -7.31 -10.53 -15.59
CA PHE B 104 -6.34 -11.07 -14.66
C PHE B 104 -6.63 -12.51 -14.27
N ILE B 105 -5.57 -13.20 -13.83
CA ILE B 105 -5.64 -14.59 -13.38
C ILE B 105 -5.68 -14.52 -11.87
N PHE B 106 -6.47 -15.40 -11.26
CA PHE B 106 -6.73 -15.32 -9.85
C PHE B 106 -6.66 -16.73 -9.28
N LYS B 107 -5.99 -16.93 -8.14
CA LYS B 107 -5.94 -18.25 -7.48
C LYS B 107 -5.81 -18.06 -5.99
N ASN B 108 -6.60 -18.82 -5.22
CA ASN B 108 -6.56 -18.77 -3.75
C ASN B 108 -6.58 -17.35 -3.19
N GLY B 109 -7.51 -16.54 -3.72
CA GLY B 109 -7.74 -15.20 -3.24
C GLY B 109 -6.77 -14.14 -3.71
N LYS B 110 -5.80 -14.53 -4.54
CA LYS B 110 -4.72 -13.64 -4.97
C LYS B 110 -4.69 -13.42 -6.49
N ILE B 111 -4.44 -12.17 -6.90
CA ILE B 111 -4.22 -11.88 -8.32
C ILE B 111 -2.83 -12.38 -8.67
N THR B 112 -2.71 -13.24 -9.69
CA THR B 112 -1.41 -13.88 -9.98
C THR B 112 -0.79 -13.49 -11.32
N SER B 113 -1.60 -13.03 -12.25
CA SER B 113 -1.11 -12.66 -13.57
C SER B 113 -2.02 -11.60 -14.20
N ILE B 114 -1.44 -10.71 -14.99
CA ILE B 114 -2.22 -9.69 -15.70
C ILE B 114 -2.24 -10.03 -17.18
N VAL B 115 -3.43 -10.02 -17.79
CA VAL B 115 -3.59 -10.42 -19.20
C VAL B 115 -3.25 -9.27 -20.13
N LYS B 116 -2.43 -9.56 -21.14
CA LYS B 116 -2.07 -8.61 -22.20
C LYS B 116 -3.28 -7.93 -22.82
N ASP B 117 -3.17 -6.61 -23.06
CA ASP B 117 -4.15 -5.79 -23.79
C ASP B 117 -5.50 -5.70 -23.10
N SER B 118 -5.53 -5.92 -21.80
CA SER B 118 -6.79 -5.93 -21.04
C SER B 118 -7.00 -4.63 -20.28
N SER B 119 -8.20 -4.44 -19.76
CA SER B 119 -8.48 -3.32 -18.85
C SER B 119 -7.61 -3.36 -17.59
N ALA B 120 -7.36 -4.57 -17.06
CA ALA B 120 -6.46 -4.69 -15.90
C ALA B 120 -5.08 -4.15 -16.23
N ALA B 121 -4.58 -4.50 -17.42
CA ALA B 121 -3.29 -4.02 -17.89
C ALA B 121 -3.30 -2.50 -18.06
N ARG B 122 -4.36 -1.98 -18.72
CA ARG B 122 -4.47 -0.54 -18.98
C ARG B 122 -4.49 0.27 -17.67
N ASN B 123 -5.15 -0.28 -16.67
CA ASN B 123 -5.28 0.43 -15.40
C ASN B 123 -4.17 0.08 -14.36
N GLY B 124 -3.20 -0.74 -14.74
CA GLY B 124 -2.06 -1.05 -13.84
C GLY B 124 -2.34 -1.92 -12.61
N LEU B 125 -3.23 -2.89 -12.75
CA LEU B 125 -3.54 -3.81 -11.68
C LEU B 125 -2.27 -4.59 -11.35
N LEU B 126 -2.03 -4.80 -10.06
CA LEU B 126 -0.81 -5.51 -9.63
C LEU B 126 -1.10 -6.93 -9.17
N THR B 127 -0.15 -7.82 -9.39
CA THR B 127 -0.21 -9.18 -8.81
C THR B 127 0.26 -9.24 -7.35
N GLU B 128 0.18 -10.43 -6.75
CA GLU B 128 0.47 -10.62 -5.32
C GLU B 128 -0.34 -9.63 -4.47
N HIS B 129 -1.58 -9.39 -4.90
CA HIS B 129 -2.53 -8.58 -4.15
C HIS B 129 -3.76 -9.42 -3.88
N ASN B 130 -4.36 -9.24 -2.71
CA ASN B 130 -5.65 -9.85 -2.42
C ASN B 130 -6.77 -8.93 -2.84
N ILE B 131 -7.90 -9.49 -3.24
CA ILE B 131 -9.10 -8.71 -3.50
C ILE B 131 -9.96 -8.70 -2.24
N CYS B 132 -10.30 -7.50 -1.77
CA CYS B 132 -11.05 -7.34 -0.53
C CYS B 132 -12.53 -7.18 -0.84
N GLU B 133 -12.85 -6.30 -1.79
CA GLU B 133 -14.24 -6.06 -2.19
C GLU B 133 -14.36 -5.99 -3.69
N ILE B 134 -15.54 -6.39 -4.19
CA ILE B 134 -15.87 -6.15 -5.59
C ILE B 134 -17.14 -5.33 -5.57
N ASN B 135 -17.09 -4.13 -6.14
CA ASN B 135 -18.22 -3.22 -6.12
C ASN B 135 -18.81 -3.07 -4.70
N GLY B 136 -17.92 -2.95 -3.72
CA GLY B 136 -18.31 -2.76 -2.34
C GLY B 136 -18.69 -4.00 -1.56
N GLN B 137 -18.75 -5.13 -2.24
CA GLN B 137 -19.12 -6.40 -1.60
C GLN B 137 -17.87 -7.13 -1.11
N ASN B 138 -17.82 -7.44 0.19
CA ASN B 138 -16.70 -8.20 0.77
C ASN B 138 -16.55 -9.59 0.13
N VAL B 139 -15.35 -9.92 -0.33
CA VAL B 139 -15.09 -11.23 -0.89
C VAL B 139 -14.00 -12.01 -0.14
N ILE B 140 -13.51 -11.43 0.95
CA ILE B 140 -12.52 -12.12 1.79
C ILE B 140 -13.14 -13.37 2.37
N GLY B 141 -12.43 -14.49 2.23
CA GLY B 141 -12.89 -15.74 2.80
C GLY B 141 -13.76 -16.56 1.86
N LEU B 142 -14.14 -15.99 0.72
CA LEU B 142 -14.93 -16.73 -0.26
C LEU B 142 -14.05 -17.66 -1.08
N LYS B 143 -14.65 -18.72 -1.62
CA LYS B 143 -13.97 -19.58 -2.59
C LYS B 143 -13.77 -18.84 -3.90
N ASP B 144 -12.71 -19.20 -4.63
CA ASP B 144 -12.45 -18.59 -5.93
C ASP B 144 -13.68 -18.65 -6.86
N SER B 145 -14.37 -19.81 -6.86
CA SER B 145 -15.56 -19.97 -7.69
C SER B 145 -16.67 -18.99 -7.32
N GLN B 146 -16.82 -18.71 -6.02
CA GLN B 146 -17.80 -17.75 -5.54
C GLN B 146 -17.43 -16.33 -5.97
N ILE B 147 -16.15 -16.01 -5.92
CA ILE B 147 -15.68 -14.72 -6.42
C ILE B 147 -15.97 -14.59 -7.92
N ALA B 148 -15.69 -15.64 -8.67
CA ALA B 148 -16.02 -15.65 -10.09
C ALA B 148 -17.51 -15.37 -10.34
N ASP B 149 -18.40 -15.99 -9.55
CA ASP B 149 -19.86 -15.79 -9.72
C ASP B 149 -20.19 -14.31 -9.46
N ILE B 150 -19.58 -13.72 -8.43
CA ILE B 150 -19.81 -12.31 -8.13
C ILE B 150 -19.36 -11.41 -9.27
N LEU B 151 -18.15 -11.66 -9.78
CA LEU B 151 -17.62 -10.90 -10.92
C LEU B 151 -18.54 -10.94 -12.14
N SER B 152 -19.12 -12.11 -12.40
CA SER B 152 -19.99 -12.32 -13.56
C SER B 152 -21.28 -11.54 -13.49
N THR B 153 -21.69 -11.13 -12.28
CA THR B 153 -22.93 -10.39 -12.10
C THR B 153 -22.66 -8.95 -11.65
N SER B 154 -21.42 -8.50 -11.83
CA SER B 154 -21.05 -7.16 -11.38
C SER B 154 -21.23 -6.03 -12.39
N GLY B 155 -21.76 -6.34 -13.57
CA GLY B 155 -21.88 -5.34 -14.63
C GLY B 155 -20.57 -5.21 -15.40
N THR B 156 -20.54 -4.24 -16.31
CA THR B 156 -19.36 -4.00 -17.17
C THR B 156 -18.26 -3.23 -16.48
N VAL B 157 -18.63 -2.38 -15.51
CA VAL B 157 -17.64 -1.60 -14.76
C VAL B 157 -17.40 -2.30 -13.43
N VAL B 158 -16.16 -2.74 -13.20
CA VAL B 158 -15.80 -3.49 -12.01
C VAL B 158 -14.80 -2.69 -11.21
N THR B 159 -15.20 -2.33 -9.98
CA THR B 159 -14.36 -1.60 -9.05
C THR B 159 -13.92 -2.53 -7.92
N ILE B 160 -12.62 -2.78 -7.81
CA ILE B 160 -12.12 -3.70 -6.79
C ILE B 160 -11.25 -2.94 -5.80
N THR B 161 -11.35 -3.32 -4.53
CA THR B 161 -10.40 -2.82 -3.56
C THR B 161 -9.40 -3.94 -3.34
N ILE B 162 -8.13 -3.58 -3.31
CA ILE B 162 -7.06 -4.57 -3.25
C ILE B 162 -6.06 -4.12 -2.20
N MET B 163 -5.20 -5.04 -1.80
CA MET B 163 -4.08 -4.68 -0.96
C MET B 163 -2.98 -5.72 -1.13
N PRO B 164 -1.72 -5.33 -0.91
CA PRO B 164 -0.63 -6.28 -1.08
C PRO B 164 -0.83 -7.49 -0.18
N ALA B 165 -0.44 -8.66 -0.67
CA ALA B 165 -0.69 -9.89 0.07
C ALA B 165 0.13 -9.97 1.36
N PHE B 166 1.32 -9.37 1.36
CA PHE B 166 2.29 -9.49 2.47
C PHE B 166 2.40 -10.94 2.93
N ASN C 2 -6.35 -25.08 -9.54
CA ASN C 2 -7.01 -24.42 -10.71
C ASN C 2 -6.97 -22.91 -10.65
N GLU C 3 -6.47 -22.29 -11.70
CA GLU C 3 -6.49 -20.83 -11.78
C GLU C 3 -7.64 -20.29 -12.65
N PHE C 4 -8.29 -19.25 -12.13
CA PHE C 4 -9.43 -18.61 -12.78
C PHE C 4 -8.97 -17.43 -13.60
N ALA C 5 -9.54 -17.25 -14.79
CA ALA C 5 -9.28 -16.10 -15.66
C ALA C 5 -10.43 -15.12 -15.55
N PHE C 6 -10.15 -13.94 -15.02
CA PHE C 6 -11.18 -12.95 -14.73
C PHE C 6 -11.13 -11.76 -15.68
C BEZ D . 0.62 12.50 18.90
O1 BEZ D . 0.20 12.18 17.59
O2 BEZ D . 1.56 11.76 19.42
C1 BEZ D . 0.02 13.64 19.67
C2 BEZ D . 0.63 14.08 20.84
C3 BEZ D . 0.07 15.16 21.54
C4 BEZ D . -1.09 15.78 21.06
C5 BEZ D . -1.69 15.34 19.89
C6 BEZ D . -1.14 14.25 19.19
#